data_7RAF
#
_entry.id   7RAF
#
_cell.length_a   69.099
_cell.length_b   69.099
_cell.length_c   145.258
_cell.angle_alpha   90.000
_cell.angle_beta   90.000
_cell.angle_gamma   90.000
#
_symmetry.space_group_name_H-M   'P 43 21 2'
#
loop_
_entity.id
_entity.type
_entity.pdbx_description
1 polymer 'Ancestral androgen receptor'
2 polymer 'Transcriptional mediator/intermediary factor 2'
3 non-polymer PROGESTERONE
4 non-polymer GLYCEROL
5 water water
#
loop_
_entity_poly.entity_id
_entity_poly.type
_entity_poly.pdbx_seq_one_letter_code
_entity_poly.pdbx_strand_id
1 'polypeptide(L)'
;IPIFLSVLQSIEPEVVYAGYDNTQPDTSASLLTSLNELGERQLVRVVKWAKALPGFRNLHVDDQMTLIQYSWMGVMVFAM
GWRSYKNVNSRMLYFAPDLVFNEQRMQKSTMYNLCVRMRHLSQEFVWLQVTQEEFLCMKALLLFSIIPVEGLKNQKYFDE
LRMNYIKELDRVISFQGKNPTSSSQRFYQLTKLLDSLQDLVRKLHQFTFDTFVQSQSLSVEFPEMMSEIISAQVPKILAG
MVKPLLFHKQ
;
A
2 'polypeptide(L)' QALLRYLLDKDD D
#
# COMPACT_ATOMS: atom_id res chain seq x y z
N ILE A 1 2.39 -24.36 11.31
CA ILE A 1 1.03 -24.08 10.88
C ILE A 1 0.79 -22.58 11.01
N PRO A 2 0.15 -21.97 10.01
CA PRO A 2 -0.07 -20.52 10.05
C PRO A 2 -0.96 -20.13 11.22
N ILE A 3 -0.59 -19.04 11.87
CA ILE A 3 -1.26 -18.52 13.04
C ILE A 3 -2.15 -17.35 12.70
N PHE A 4 -1.90 -16.69 11.59
CA PHE A 4 -2.59 -15.45 11.28
C PHE A 4 -3.41 -15.50 10.03
N LEU A 5 -3.50 -16.65 9.36
CA LEU A 5 -4.16 -16.67 8.06
C LEU A 5 -5.65 -16.36 8.18
N SER A 6 -6.36 -17.03 9.10
CA SER A 6 -7.78 -16.74 9.24
C SER A 6 -7.99 -15.32 9.72
N VAL A 7 -7.08 -14.78 10.56
CA VAL A 7 -7.18 -13.37 10.95
C VAL A 7 -7.09 -12.47 9.73
N LEU A 8 -6.06 -12.67 8.89
CA LEU A 8 -5.86 -11.77 7.76
C LEU A 8 -7.03 -11.85 6.80
N GLN A 9 -7.61 -13.04 6.63
CA GLN A 9 -8.78 -13.18 5.79
C GLN A 9 -9.96 -12.39 6.36
N SER A 10 -10.16 -12.45 7.69
CA SER A 10 -11.32 -11.82 8.29
C SER A 10 -11.22 -10.29 8.30
N ILE A 11 -10.01 -9.76 8.48
CA ILE A 11 -9.88 -8.30 8.62
C ILE A 11 -9.66 -7.59 7.29
N GLU A 12 -9.58 -8.33 6.18
CA GLU A 12 -9.30 -7.72 4.88
C GLU A 12 -10.42 -6.75 4.53
N PRO A 13 -10.10 -5.51 4.13
CA PRO A 13 -11.14 -4.56 3.72
C PRO A 13 -11.91 -4.98 2.49
N GLU A 14 -13.17 -4.52 2.45
CA GLU A 14 -13.99 -4.66 1.27
C GLU A 14 -13.57 -3.59 0.26
N VAL A 15 -13.95 -3.81 -1.01
CA VAL A 15 -13.47 -2.93 -2.07
C VAL A 15 -14.20 -1.59 -1.97
N VAL A 16 -13.47 -0.55 -2.26
CA VAL A 16 -13.92 0.84 -2.23
C VAL A 16 -14.20 1.26 -3.66
N TYR A 17 -15.30 1.96 -3.85
CA TYR A 17 -15.63 2.59 -5.12
C TYR A 17 -15.11 4.03 -5.16
N ALA A 18 -14.70 4.48 -6.37
CA ALA A 18 -14.18 5.82 -6.52
C ALA A 18 -15.28 6.88 -6.57
N GLY A 19 -16.44 6.53 -7.11
CA GLY A 19 -17.53 7.46 -7.37
C GLY A 19 -17.33 8.27 -8.61
N TYR A 20 -16.47 7.82 -9.51
CA TYR A 20 -16.13 8.55 -10.73
C TYR A 20 -17.27 8.49 -11.74
N ASP A 21 -17.57 9.64 -12.34
CA ASP A 21 -18.54 9.74 -13.43
C ASP A 21 -17.83 9.35 -14.73
N ASN A 22 -17.99 8.10 -15.14
CA ASN A 22 -17.30 7.59 -16.32
C ASN A 22 -17.90 8.10 -17.61
N THR A 23 -19.01 8.86 -17.57
CA THR A 23 -19.54 9.49 -18.79
C THR A 23 -18.84 10.80 -19.15
N GLN A 24 -18.03 11.36 -18.26
CA GLN A 24 -17.38 12.64 -18.54
C GLN A 24 -16.15 12.43 -19.39
N PRO A 25 -15.72 13.46 -20.11
CA PRO A 25 -14.43 13.37 -20.81
C PRO A 25 -13.29 13.40 -19.78
N ASP A 26 -12.41 12.43 -19.88
CA ASP A 26 -11.33 12.37 -18.89
C ASP A 26 -10.33 13.51 -19.11
N THR A 27 -9.89 14.09 -18.01
CA THR A 27 -8.76 15.02 -18.00
C THR A 27 -7.79 14.52 -16.96
N SER A 28 -6.55 15.04 -16.99
CA SER A 28 -5.64 14.67 -15.93
C SER A 28 -6.17 15.14 -14.57
N ALA A 29 -6.79 16.31 -14.54
CA ALA A 29 -7.34 16.79 -13.27
C ALA A 29 -8.46 15.88 -12.77
N SER A 30 -9.37 15.46 -13.64
CA SER A 30 -10.47 14.62 -13.16
C SER A 30 -9.98 13.26 -12.70
N LEU A 31 -9.01 12.69 -13.45
CA LEU A 31 -8.49 11.38 -13.10
C LEU A 31 -7.67 11.43 -11.81
N LEU A 32 -6.78 12.43 -11.66
CA LEU A 32 -5.98 12.48 -10.43
C LEU A 32 -6.85 12.85 -9.23
N THR A 33 -7.82 13.73 -9.43
CA THR A 33 -8.73 14.07 -8.34
C THR A 33 -9.50 12.85 -7.90
N SER A 34 -9.98 12.04 -8.84
CA SER A 34 -10.72 10.84 -8.46
C SER A 34 -9.84 9.84 -7.73
N LEU A 35 -8.59 9.65 -8.20
CA LEU A 35 -7.67 8.78 -7.48
C LEU A 35 -7.45 9.27 -6.05
N ASN A 36 -7.33 10.58 -5.85
CA ASN A 36 -7.19 11.10 -4.49
C ASN A 36 -8.42 10.86 -3.62
N GLU A 37 -9.63 10.98 -4.19
CA GLU A 37 -10.85 10.70 -3.43
C GLU A 37 -10.91 9.23 -3.07
N LEU A 38 -10.51 8.37 -4.02
CA LEU A 38 -10.43 6.94 -3.74
C LEU A 38 -9.39 6.64 -2.66
N GLY A 39 -8.22 7.27 -2.77
CA GLY A 39 -7.18 7.10 -1.77
C GLY A 39 -7.65 7.46 -0.38
N GLU A 40 -8.38 8.56 -0.26
CA GLU A 40 -8.88 9.00 1.05
C GLU A 40 -9.76 7.93 1.68
N ARG A 41 -10.67 7.37 0.88
CA ARG A 41 -11.59 6.41 1.43
C ARG A 41 -10.91 5.06 1.62
N GLN A 42 -9.93 4.71 0.80
CA GLN A 42 -9.12 3.52 1.10
C GLN A 42 -8.36 3.71 2.40
N LEU A 43 -7.82 4.91 2.62
CA LEU A 43 -7.04 5.15 3.83
C LEU A 43 -7.86 4.89 5.09
N VAL A 44 -9.11 5.35 5.11
CA VAL A 44 -9.98 5.06 6.24
C VAL A 44 -10.00 3.56 6.50
N ARG A 45 -10.12 2.76 5.43
CA ARG A 45 -10.19 1.32 5.65
C ARG A 45 -8.83 0.73 6.02
N VAL A 46 -7.73 1.29 5.51
CA VAL A 46 -6.39 0.83 5.89
C VAL A 46 -6.17 1.03 7.38
N VAL A 47 -6.64 2.16 7.93
CA VAL A 47 -6.44 2.39 9.36
C VAL A 47 -7.19 1.36 10.19
N LYS A 48 -8.45 1.09 9.81
CA LYS A 48 -9.25 0.12 10.54
C LYS A 48 -8.60 -1.26 10.48
N TRP A 49 -8.06 -1.60 9.30
CA TRP A 49 -7.38 -2.87 9.10
C TRP A 49 -6.14 -2.99 9.93
N ALA A 50 -5.29 -1.96 9.90
CA ALA A 50 -4.05 -1.99 10.66
C ALA A 50 -4.35 -2.19 12.15
N LYS A 51 -5.41 -1.50 12.65
CA LYS A 51 -5.76 -1.62 14.06
C LYS A 51 -6.15 -3.04 14.45
N ALA A 52 -6.64 -3.82 13.49
CA ALA A 52 -7.05 -5.20 13.72
C ALA A 52 -5.94 -6.19 13.47
N LEU A 53 -4.77 -5.74 13.06
CA LEU A 53 -3.65 -6.64 12.81
C LEU A 53 -3.01 -6.93 14.17
N PRO A 54 -3.00 -8.16 14.65
CA PRO A 54 -2.50 -8.40 16.02
C PRO A 54 -1.12 -7.80 16.25
N GLY A 55 -1.02 -7.07 17.37
CA GLY A 55 0.18 -6.41 17.79
C GLY A 55 0.28 -4.96 17.39
N PHE A 56 -0.36 -4.57 16.29
CA PHE A 56 -0.18 -3.21 15.77
C PHE A 56 -0.62 -2.19 16.80
N ARG A 57 -1.78 -2.41 17.42
CA ARG A 57 -2.24 -1.43 18.42
C ARG A 57 -1.47 -1.48 19.70
N ASN A 58 -0.53 -2.40 19.87
CA ASN A 58 0.32 -2.41 21.03
C ASN A 58 1.57 -1.57 20.86
N LEU A 59 1.83 -1.09 19.66
CA LEU A 59 2.82 -0.04 19.47
C LEU A 59 2.33 1.26 20.09
N HIS A 60 3.29 2.13 20.49
CA HIS A 60 2.97 3.50 20.87
C HIS A 60 2.15 4.15 19.77
N VAL A 61 1.13 4.92 20.14
CA VAL A 61 0.27 5.52 19.11
C VAL A 61 1.09 6.37 18.16
N ASP A 62 2.19 6.98 18.62
CA ASP A 62 3.00 7.78 17.70
C ASP A 62 3.64 6.91 16.65
N ASP A 63 4.07 5.69 17.04
CA ASP A 63 4.60 4.73 16.08
C ASP A 63 3.51 4.23 15.13
N GLN A 64 2.32 3.96 15.63
CA GLN A 64 1.21 3.63 14.75
C GLN A 64 0.99 4.67 13.69
N MET A 65 0.94 5.95 14.09
CA MET A 65 0.77 7.06 13.17
C MET A 65 1.90 7.07 12.14
N THR A 66 3.14 6.94 12.62
CA THR A 66 4.28 6.97 11.71
C THR A 66 4.20 5.86 10.66
N LEU A 67 3.91 4.63 11.10
CA LEU A 67 3.91 3.52 10.16
C LEU A 67 2.80 3.67 9.12
N ILE A 68 1.62 4.15 9.51
CA ILE A 68 0.57 4.35 8.52
C ILE A 68 0.95 5.47 7.56
N GLN A 69 1.55 6.55 8.08
CA GLN A 69 1.96 7.65 7.23
C GLN A 69 3.02 7.21 6.24
N TYR A 70 3.90 6.32 6.63
CA TYR A 70 4.91 5.82 5.70
C TYR A 70 4.39 4.79 4.70
N SER A 71 3.52 3.90 5.14
CA SER A 71 3.24 2.69 4.39
C SER A 71 1.97 2.72 3.54
N TRP A 72 1.14 3.76 3.62
CA TRP A 72 -0.12 3.72 2.89
C TRP A 72 0.09 3.54 1.40
N MET A 73 1.10 4.20 0.80
CA MET A 73 1.26 4.10 -0.64
C MET A 73 1.58 2.66 -1.06
N GLY A 74 2.51 2.03 -0.38
CA GLY A 74 2.85 0.64 -0.70
C GLY A 74 1.68 -0.29 -0.51
N VAL A 75 0.99 -0.20 0.64
CA VAL A 75 -0.17 -1.05 0.89
C VAL A 75 -1.15 -0.89 -0.24
N MET A 76 -1.47 0.38 -0.60
CA MET A 76 -2.53 0.61 -1.59
C MET A 76 -2.09 0.23 -3.00
N VAL A 77 -0.83 0.46 -3.37
CA VAL A 77 -0.35 0.04 -4.69
C VAL A 77 -0.39 -1.47 -4.79
N PHE A 78 0.08 -2.15 -3.75
CA PHE A 78 0.12 -3.60 -3.79
C PHE A 78 -1.27 -4.20 -3.88
N ALA A 79 -2.22 -3.67 -3.09
CA ALA A 79 -3.61 -4.12 -3.19
C ALA A 79 -4.21 -3.85 -4.57
N MET A 80 -3.87 -2.72 -5.15
CA MET A 80 -4.37 -2.44 -6.50
C MET A 80 -3.79 -3.41 -7.50
N GLY A 81 -2.52 -3.77 -7.36
CA GLY A 81 -1.97 -4.77 -8.25
C GLY A 81 -2.68 -6.10 -8.14
N TRP A 82 -3.02 -6.50 -6.92
CA TRP A 82 -3.77 -7.73 -6.72
C TRP A 82 -5.15 -7.66 -7.37
N ARG A 83 -5.87 -6.54 -7.18
CA ARG A 83 -7.16 -6.39 -7.84
C ARG A 83 -7.02 -6.46 -9.34
N SER A 84 -5.96 -5.87 -9.88
CA SER A 84 -5.77 -5.88 -11.32
C SER A 84 -5.51 -7.30 -11.80
N TYR A 85 -4.74 -8.06 -11.04
CA TYR A 85 -4.52 -9.48 -11.34
C TYR A 85 -5.83 -10.26 -11.36
N LYS A 86 -6.62 -10.12 -10.26
CA LYS A 86 -7.79 -10.94 -10.10
C LYS A 86 -8.89 -10.55 -11.05
N ASN A 87 -8.99 -9.26 -11.41
CA ASN A 87 -10.16 -8.83 -12.19
C ASN A 87 -9.91 -8.67 -13.68
N VAL A 88 -8.70 -8.24 -14.08
CA VAL A 88 -8.43 -7.98 -15.48
C VAL A 88 -7.13 -8.63 -15.93
N ASN A 89 -6.70 -9.68 -15.23
CA ASN A 89 -5.46 -10.42 -15.54
C ASN A 89 -4.29 -9.46 -15.79
N SER A 90 -4.25 -8.41 -15.01
CA SER A 90 -3.15 -7.44 -14.99
C SER A 90 -2.96 -6.73 -16.33
N ARG A 91 -3.99 -6.65 -17.17
CA ARG A 91 -3.90 -5.94 -18.44
C ARG A 91 -4.21 -4.46 -18.29
N MET A 92 -4.85 -4.06 -17.20
CA MET A 92 -5.22 -2.69 -16.91
C MET A 92 -5.07 -2.49 -15.41
N LEU A 93 -5.17 -1.26 -14.94
CA LEU A 93 -5.02 -0.94 -13.52
C LEU A 93 -6.40 -0.78 -12.91
N TYR A 94 -6.76 -1.73 -12.05
CA TYR A 94 -8.09 -1.78 -11.43
C TYR A 94 -8.06 -1.02 -10.10
N PHE A 95 -8.03 0.32 -10.21
CA PHE A 95 -7.99 1.11 -9.00
C PHE A 95 -9.28 0.90 -8.21
N ALA A 96 -10.42 0.84 -8.89
CA ALA A 96 -11.71 0.57 -8.27
C ALA A 96 -12.60 -0.01 -9.35
N PRO A 97 -13.71 -0.64 -8.99
CA PRO A 97 -14.57 -1.23 -10.03
C PRO A 97 -15.08 -0.19 -11.00
N ASP A 98 -15.22 1.06 -10.53
CA ASP A 98 -15.69 2.17 -11.34
C ASP A 98 -14.57 3.12 -11.73
N LEU A 99 -13.30 2.66 -11.63
CA LEU A 99 -12.17 3.50 -12.02
C LEU A 99 -11.04 2.56 -12.44
N VAL A 100 -11.12 2.12 -13.69
CA VAL A 100 -10.16 1.22 -14.29
C VAL A 100 -9.38 1.98 -15.36
N PHE A 101 -8.05 1.96 -15.25
CA PHE A 101 -7.18 2.68 -16.18
C PHE A 101 -6.77 1.75 -17.30
N ASN A 102 -7.22 2.05 -18.48
CA ASN A 102 -6.70 1.52 -19.70
C ASN A 102 -5.52 2.37 -20.17
N GLU A 103 -4.95 2.02 -21.31
CA GLU A 103 -3.80 2.76 -21.81
C GLU A 103 -4.13 4.25 -21.99
N GLN A 104 -5.33 4.54 -22.49
CA GLN A 104 -5.69 5.93 -22.74
C GLN A 104 -5.70 6.73 -21.45
N ARG A 105 -6.31 6.19 -20.39
CA ARG A 105 -6.30 6.88 -19.11
C ARG A 105 -4.90 6.96 -18.51
N MET A 106 -4.07 5.92 -18.67
CA MET A 106 -2.70 6.04 -18.19
C MET A 106 -2.01 7.22 -18.84
N GLN A 107 -2.21 7.41 -20.15
CA GLN A 107 -1.59 8.53 -20.85
C GLN A 107 -2.16 9.85 -20.35
N LYS A 108 -3.48 9.94 -20.25
CA LYS A 108 -4.09 11.22 -19.88
C LYS A 108 -3.78 11.59 -18.45
N SER A 109 -3.35 10.62 -17.63
CA SER A 109 -3.12 10.85 -16.20
C SER A 109 -1.97 11.81 -15.89
N THR A 110 -1.04 12.00 -16.82
CA THR A 110 0.27 12.64 -16.66
C THR A 110 1.26 11.83 -15.81
N MET A 111 0.92 10.61 -15.42
CA MET A 111 1.90 9.71 -14.80
C MET A 111 1.92 8.39 -15.55
N TYR A 112 2.02 8.49 -16.88
CA TYR A 112 2.04 7.28 -17.70
C TYR A 112 3.11 6.27 -17.26
N ASN A 113 4.36 6.73 -17.12
CA ASN A 113 5.45 5.80 -16.85
C ASN A 113 5.24 5.11 -15.52
N LEU A 114 4.70 5.82 -14.53
CA LEU A 114 4.42 5.20 -13.24
C LEU A 114 3.28 4.22 -13.34
N CYS A 115 2.25 4.52 -14.15
CA CYS A 115 1.19 3.56 -14.42
C CYS A 115 1.75 2.29 -15.05
N VAL A 116 2.65 2.43 -16.02
CA VAL A 116 3.27 1.26 -16.65
C VAL A 116 3.98 0.43 -15.58
N ARG A 117 4.72 1.09 -14.67
CA ARG A 117 5.41 0.37 -13.61
C ARG A 117 4.41 -0.35 -12.70
N MET A 118 3.28 0.28 -12.42
CA MET A 118 2.28 -0.38 -11.58
C MET A 118 1.65 -1.56 -12.31
N ARG A 119 1.53 -1.47 -13.62
CA ARG A 119 1.05 -2.62 -14.40
C ARG A 119 2.09 -3.74 -14.42
N HIS A 120 3.38 -3.41 -14.44
CA HIS A 120 4.40 -4.46 -14.35
C HIS A 120 4.39 -5.14 -12.97
N LEU A 121 4.16 -4.37 -11.89
CA LEU A 121 3.94 -4.99 -10.58
C LEU A 121 2.77 -5.95 -10.65
N SER A 122 1.68 -5.50 -11.25
CA SER A 122 0.50 -6.37 -11.35
C SER A 122 0.83 -7.64 -12.13
N GLN A 123 1.63 -7.51 -13.19
CA GLN A 123 2.04 -8.66 -14.00
C GLN A 123 2.89 -9.67 -13.19
N GLU A 124 3.71 -9.20 -12.26
CA GLU A 124 4.44 -10.12 -11.39
C GLU A 124 3.53 -11.07 -10.64
N PHE A 125 2.34 -10.61 -10.23
CA PHE A 125 1.40 -11.53 -9.57
C PHE A 125 1.02 -12.67 -10.48
N VAL A 126 0.83 -12.36 -11.79
CA VAL A 126 0.47 -13.39 -12.77
C VAL A 126 1.60 -14.40 -12.96
N TRP A 127 2.82 -13.90 -13.19
CA TRP A 127 3.93 -14.77 -13.44
C TRP A 127 4.24 -15.64 -12.22
N LEU A 128 4.14 -15.05 -11.02
CA LEU A 128 4.44 -15.79 -9.80
C LEU A 128 3.27 -16.63 -9.30
N GLN A 129 2.08 -16.42 -9.85
CA GLN A 129 0.88 -17.14 -9.44
C GLN A 129 0.64 -16.95 -7.94
N VAL A 130 0.70 -15.69 -7.50
CA VAL A 130 0.56 -15.37 -6.07
C VAL A 130 -0.81 -15.83 -5.57
N THR A 131 -0.81 -16.53 -4.45
CA THR A 131 -2.07 -17.00 -3.88
C THR A 131 -2.66 -15.90 -2.98
N GLN A 132 -3.97 -16.02 -2.72
CA GLN A 132 -4.61 -15.06 -1.81
C GLN A 132 -3.92 -15.05 -0.45
N GLU A 133 -3.53 -16.22 0.04
CA GLU A 133 -2.90 -16.31 1.33
C GLU A 133 -1.54 -15.64 1.35
N GLU A 134 -0.73 -15.88 0.32
CA GLU A 134 0.51 -15.12 0.20
C GLU A 134 0.27 -13.64 0.13
N PHE A 135 -0.66 -13.19 -0.73
CA PHE A 135 -0.97 -11.79 -0.87
C PHE A 135 -1.29 -11.16 0.48
N LEU A 136 -2.12 -11.82 1.27
CA LEU A 136 -2.55 -11.19 2.54
C LEU A 136 -1.36 -11.07 3.48
N CYS A 137 -0.50 -12.10 3.52
CA CYS A 137 0.69 -12.02 4.39
C CYS A 137 1.66 -10.93 3.93
N MET A 138 1.88 -10.85 2.62
CA MET A 138 2.76 -9.85 2.04
C MET A 138 2.23 -8.43 2.33
N LYS A 139 0.92 -8.23 2.19
CA LYS A 139 0.34 -6.90 2.41
C LYS A 139 0.50 -6.47 3.86
N ALA A 140 0.29 -7.37 4.81
CA ALA A 140 0.50 -7.06 6.22
C ALA A 140 1.96 -6.64 6.44
N LEU A 141 2.89 -7.30 5.76
CA LEU A 141 4.32 -6.98 5.91
C LEU A 141 4.62 -5.58 5.43
N LEU A 142 3.82 -5.02 4.53
CA LEU A 142 4.11 -3.66 4.07
C LEU A 142 3.88 -2.59 5.13
N LEU A 143 3.15 -2.87 6.20
CA LEU A 143 3.08 -1.94 7.31
C LEU A 143 4.40 -1.84 8.04
N PHE A 144 5.28 -2.82 7.85
CA PHE A 144 6.54 -2.94 8.55
C PHE A 144 7.72 -2.69 7.64
N SER A 145 7.52 -2.02 6.53
CA SER A 145 8.54 -1.94 5.47
C SER A 145 9.40 -0.69 5.51
N ILE A 146 8.99 0.33 6.28
CA ILE A 146 9.70 1.61 6.33
C ILE A 146 9.73 2.06 7.79
N ILE A 147 10.87 2.55 8.25
CA ILE A 147 10.98 3.12 9.59
C ILE A 147 11.76 4.43 9.53
N PRO A 148 11.72 5.24 10.58
CA PRO A 148 12.55 6.44 10.62
C PRO A 148 14.01 6.07 10.73
N VAL A 149 14.87 6.88 10.13
CA VAL A 149 16.32 6.68 10.28
C VAL A 149 16.70 6.66 11.76
N GLU A 150 16.04 7.48 12.55
CA GLU A 150 16.32 7.51 13.99
C GLU A 150 15.58 6.44 14.77
N GLY A 151 14.80 5.60 14.12
CA GLY A 151 14.05 4.57 14.78
C GLY A 151 12.69 4.99 15.33
N LEU A 152 11.93 4.00 15.75
CA LEU A 152 10.63 4.19 16.36
C LEU A 152 10.76 4.36 17.87
N LYS A 153 9.66 4.77 18.51
CA LYS A 153 9.67 4.88 19.96
C LYS A 153 9.81 3.51 20.62
N ASN A 154 9.15 2.51 20.05
CA ASN A 154 9.25 1.12 20.52
C ASN A 154 9.89 0.27 19.43
N GLN A 155 11.15 0.54 19.07
CA GLN A 155 11.82 -0.15 17.97
C GLN A 155 12.02 -1.64 18.24
N LYS A 156 12.32 -2.01 19.47
CA LYS A 156 12.54 -3.42 19.77
C LYS A 156 11.28 -4.22 19.54
N TYR A 157 10.15 -3.71 20.05
CA TYR A 157 8.90 -4.46 19.85
C TYR A 157 8.54 -4.50 18.37
N PHE A 158 8.73 -3.40 17.66
CA PHE A 158 8.48 -3.40 16.22
C PHE A 158 9.31 -4.48 15.54
N ASP A 159 10.60 -4.59 15.89
CA ASP A 159 11.46 -5.55 15.22
C ASP A 159 10.94 -6.97 15.42
N GLU A 160 10.47 -7.26 16.62
CA GLU A 160 9.97 -8.60 16.94
C GLU A 160 8.65 -8.87 16.26
N LEU A 161 7.78 -7.86 16.20
CA LEU A 161 6.50 -8.05 15.54
C LEU A 161 6.67 -8.22 14.04
N ARG A 162 7.56 -7.44 13.44
CA ARG A 162 7.87 -7.61 12.03
C ARG A 162 8.36 -9.04 11.77
N MET A 163 9.28 -9.53 12.60
CA MET A 163 9.77 -10.88 12.37
C MET A 163 8.66 -11.92 12.50
N ASN A 164 7.72 -11.69 13.42
CA ASN A 164 6.58 -12.59 13.57
C ASN A 164 5.79 -12.69 12.25
N TYR A 165 5.58 -11.55 11.56
CA TYR A 165 4.88 -11.63 10.27
C TYR A 165 5.76 -12.13 9.14
N ILE A 166 7.08 -11.96 9.21
CA ILE A 166 7.96 -12.62 8.25
C ILE A 166 7.87 -14.12 8.41
N LYS A 167 7.95 -14.60 9.65
CA LYS A 167 7.82 -16.03 9.90
C LYS A 167 6.46 -16.55 9.42
N GLU A 168 5.42 -15.72 9.55
CA GLU A 168 4.10 -16.15 9.08
C GLU A 168 4.10 -16.37 7.57
N LEU A 169 4.74 -15.49 6.83
CA LEU A 169 4.83 -15.69 5.36
C LEU A 169 5.48 -17.02 5.06
N ASP A 170 6.57 -17.30 5.77
CA ASP A 170 7.27 -18.57 5.60
C ASP A 170 6.38 -19.76 5.96
N ARG A 171 5.60 -19.64 7.06
CA ARG A 171 4.69 -20.71 7.48
C ARG A 171 3.61 -20.95 6.43
N VAL A 172 3.05 -19.88 5.87
N VAL A 172 3.07 -19.87 5.85
CA VAL A 172 2.04 -20.02 4.84
CA VAL A 172 2.03 -20.03 4.84
C VAL A 172 2.60 -20.71 3.60
C VAL A 172 2.60 -20.69 3.59
N ILE A 173 3.79 -20.27 3.15
CA ILE A 173 4.40 -20.90 1.98
C ILE A 173 4.59 -22.38 2.21
N SER A 174 5.07 -22.75 3.42
CA SER A 174 5.31 -24.16 3.68
C SER A 174 3.98 -24.91 3.80
N PHE A 175 3.00 -24.30 4.44
CA PHE A 175 1.67 -24.88 4.52
C PHE A 175 1.13 -25.21 3.14
N GLN A 176 1.24 -24.27 2.21
CA GLN A 176 0.92 -24.45 0.81
C GLN A 176 2.17 -25.05 0.18
N ASN A 179 8.21 -29.04 -1.19
CA ASN A 179 9.45 -29.41 -0.50
C ASN A 179 10.12 -28.18 0.09
N PRO A 180 11.06 -28.36 1.04
CA PRO A 180 11.71 -27.17 1.65
C PRO A 180 12.55 -26.36 0.67
N THR A 181 13.23 -27.00 -0.29
CA THR A 181 14.03 -26.23 -1.23
C THR A 181 13.14 -25.30 -2.08
N SER A 182 12.02 -25.83 -2.58
CA SER A 182 11.11 -25.02 -3.38
C SER A 182 10.45 -23.94 -2.54
N SER A 183 10.21 -24.24 -1.26
CA SER A 183 9.58 -23.23 -0.40
C SER A 183 10.56 -22.11 -0.03
N SER A 184 11.83 -22.44 0.20
CA SER A 184 12.79 -21.36 0.43
C SER A 184 12.95 -20.48 -0.82
N GLN A 185 12.93 -21.11 -2.01
CA GLN A 185 12.98 -20.31 -3.22
C GLN A 185 11.73 -19.46 -3.35
N ARG A 186 10.57 -20.00 -2.94
CA ARG A 186 9.34 -19.22 -3.02
C ARG A 186 9.44 -18.00 -2.11
N PHE A 187 9.97 -18.20 -0.91
CA PHE A 187 10.12 -17.10 0.05
C PHE A 187 11.01 -16.03 -0.54
N TYR A 188 12.11 -16.44 -1.18
CA TYR A 188 13.00 -15.49 -1.84
C TYR A 188 12.28 -14.70 -2.92
N GLN A 189 11.51 -15.39 -3.77
CA GLN A 189 10.80 -14.71 -4.85
C GLN A 189 9.84 -13.66 -4.30
N LEU A 190 9.04 -14.02 -3.29
CA LEU A 190 8.01 -13.10 -2.83
C LEU A 190 8.61 -11.93 -2.08
N THR A 191 9.67 -12.17 -1.28
CA THR A 191 10.27 -11.05 -0.58
C THR A 191 11.08 -10.17 -1.52
N LYS A 192 11.64 -10.73 -2.59
CA LYS A 192 12.30 -9.89 -3.58
C LYS A 192 11.28 -9.00 -4.26
N LEU A 193 10.10 -9.54 -4.54
CA LEU A 193 9.04 -8.70 -5.09
C LEU A 193 8.72 -7.54 -4.17
N LEU A 194 8.62 -7.78 -2.86
CA LEU A 194 8.35 -6.67 -1.96
C LEU A 194 9.47 -5.67 -1.96
N ASP A 195 10.71 -6.12 -1.99
CA ASP A 195 11.83 -5.19 -2.05
C ASP A 195 11.76 -4.33 -3.29
N SER A 196 11.40 -4.91 -4.43
CA SER A 196 11.34 -4.16 -5.70
C SER A 196 10.28 -3.08 -5.62
N LEU A 197 9.23 -3.29 -4.84
CA LEU A 197 8.17 -2.32 -4.71
C LEU A 197 8.69 -1.04 -4.06
N GLN A 198 9.75 -1.12 -3.25
CA GLN A 198 10.23 0.07 -2.56
C GLN A 198 10.63 1.16 -3.55
N ASP A 199 11.28 0.82 -4.66
CA ASP A 199 11.72 1.88 -5.58
C ASP A 199 10.53 2.50 -6.28
N LEU A 200 9.55 1.69 -6.66
CA LEU A 200 8.32 2.22 -7.25
C LEU A 200 7.61 3.16 -6.29
N VAL A 201 7.49 2.75 -5.02
CA VAL A 201 6.81 3.59 -4.04
C VAL A 201 7.54 4.92 -3.90
N ARG A 202 8.87 4.92 -3.94
CA ARG A 202 9.61 6.18 -3.82
C ARG A 202 9.30 7.09 -4.99
N LYS A 203 9.25 6.54 -6.18
CA LYS A 203 8.93 7.35 -7.35
C LYS A 203 7.49 7.86 -7.25
N LEU A 204 6.56 7.04 -6.77
CA LEU A 204 5.19 7.52 -6.55
C LEU A 204 5.15 8.63 -5.50
N HIS A 205 5.93 8.52 -4.43
CA HIS A 205 6.03 9.60 -3.43
C HIS A 205 6.53 10.90 -4.06
N GLN A 206 7.51 10.81 -4.95
CA GLN A 206 8.00 12.00 -5.64
C GLN A 206 6.87 12.65 -6.44
N PHE A 207 6.15 11.87 -7.25
CA PHE A 207 5.09 12.41 -8.07
C PHE A 207 3.97 12.96 -7.21
N THR A 208 3.66 12.31 -6.09
CA THR A 208 2.65 12.79 -5.16
C THR A 208 3.05 14.17 -4.65
N PHE A 209 4.28 14.30 -4.19
CA PHE A 209 4.75 15.58 -3.68
C PHE A 209 4.59 16.66 -4.75
N ASP A 210 5.02 16.38 -5.98
CA ASP A 210 4.97 17.38 -7.04
C ASP A 210 3.54 17.78 -7.33
N THR A 211 2.62 16.83 -7.31
CA THR A 211 1.22 17.12 -7.59
C THR A 211 0.61 17.90 -6.43
N PHE A 212 1.00 17.55 -5.19
CA PHE A 212 0.53 18.26 -4.01
C PHE A 212 0.97 19.73 -4.03
N VAL A 213 2.27 19.97 -4.33
CA VAL A 213 2.77 21.34 -4.38
C VAL A 213 2.03 22.16 -5.44
N GLN A 214 1.61 21.51 -6.53
CA GLN A 214 0.97 22.15 -7.68
C GLN A 214 -0.54 21.97 -7.67
N SER A 215 -1.11 21.58 -6.53
CA SER A 215 -2.53 21.22 -6.45
C SER A 215 -3.42 22.30 -7.05
N GLN A 216 -3.23 23.54 -6.61
CA GLN A 216 -4.13 24.60 -7.08
C GLN A 216 -3.94 24.85 -8.57
N SER A 217 -2.70 24.91 -9.05
CA SER A 217 -2.50 25.24 -10.45
C SER A 217 -3.03 24.14 -11.37
N LEU A 218 -2.98 22.92 -10.91
CA LEU A 218 -3.44 21.77 -11.68
C LEU A 218 -4.91 21.44 -11.52
N SER A 219 -5.61 22.09 -10.58
CA SER A 219 -7.00 21.76 -10.26
C SER A 219 -7.13 20.32 -9.81
N VAL A 220 -6.17 19.86 -9.04
CA VAL A 220 -6.19 18.54 -8.45
C VAL A 220 -6.35 18.69 -6.95
N GLU A 221 -7.54 18.34 -6.45
CA GLU A 221 -7.88 18.49 -5.05
C GLU A 221 -7.41 17.28 -4.26
N PHE A 222 -6.78 17.54 -3.11
CA PHE A 222 -6.42 16.49 -2.17
C PHE A 222 -7.36 16.55 -0.97
N PRO A 223 -8.11 15.50 -0.68
CA PRO A 223 -8.96 15.50 0.51
C PRO A 223 -8.17 15.66 1.80
N GLU A 224 -8.91 15.90 2.88
CA GLU A 224 -8.27 16.40 4.10
C GLU A 224 -7.27 15.41 4.71
N MET A 225 -7.62 14.13 4.82
CA MET A 225 -6.67 13.24 5.50
C MET A 225 -5.49 12.92 4.59
N MET A 226 -5.71 12.76 3.29
CA MET A 226 -4.55 12.62 2.39
C MET A 226 -3.62 13.82 2.47
N SER A 227 -4.18 15.03 2.51
CA SER A 227 -3.35 16.24 2.64
C SER A 227 -2.54 16.21 3.92
N GLU A 228 -3.22 15.85 5.02
CA GLU A 228 -2.56 15.75 6.31
C GLU A 228 -1.39 14.75 6.29
N ILE A 229 -1.63 13.54 5.76
CA ILE A 229 -0.64 12.47 5.85
C ILE A 229 0.51 12.76 4.90
N ILE A 230 0.21 13.35 3.73
CA ILE A 230 1.29 13.71 2.80
C ILE A 230 2.17 14.77 3.45
N SER A 231 1.54 15.80 4.00
CA SER A 231 2.28 16.84 4.73
C SER A 231 3.11 16.28 5.85
N ALA A 232 2.58 15.28 6.57
CA ALA A 232 3.29 14.77 7.76
C ALA A 232 4.61 14.07 7.41
N GLN A 233 4.66 13.30 6.32
CA GLN A 233 5.84 12.49 6.09
C GLN A 233 6.39 12.54 4.69
N VAL A 234 5.67 12.90 3.63
CA VAL A 234 6.29 12.83 2.29
C VAL A 234 7.53 13.72 2.21
N PRO A 235 7.56 14.93 2.77
CA PRO A 235 8.82 15.70 2.75
C PRO A 235 9.97 14.97 3.42
N LYS A 236 9.68 14.25 4.51
CA LYS A 236 10.73 13.56 5.26
C LYS A 236 11.23 12.37 4.46
N ILE A 237 10.31 11.67 3.80
CA ILE A 237 10.69 10.57 2.91
C ILE A 237 11.61 11.07 1.81
N LEU A 238 11.26 12.20 1.18
CA LEU A 238 12.09 12.71 0.09
C LEU A 238 13.44 13.27 0.55
N ALA A 239 13.54 13.63 1.82
CA ALA A 239 14.75 14.24 2.38
C ALA A 239 15.71 13.19 2.90
N GLY A 240 15.38 11.92 2.80
CA GLY A 240 16.28 10.88 3.28
C GLY A 240 16.14 10.56 4.74
N MET A 241 15.06 10.94 5.37
CA MET A 241 14.88 10.75 6.80
C MET A 241 14.22 9.42 7.17
N VAL A 242 14.00 8.55 6.19
CA VAL A 242 13.40 7.25 6.46
C VAL A 242 14.28 6.16 5.84
N LYS A 243 14.08 4.95 6.35
CA LYS A 243 14.88 3.77 6.03
C LYS A 243 13.93 2.71 5.53
N PRO A 244 13.97 2.30 4.27
CA PRO A 244 13.29 1.07 3.89
C PRO A 244 13.96 -0.14 4.50
N LEU A 245 13.16 -1.11 4.90
CA LEU A 245 13.68 -2.35 5.44
C LEU A 245 13.58 -3.41 4.37
N LEU A 246 14.72 -3.80 3.82
CA LEU A 246 14.75 -4.72 2.72
C LEU A 246 14.96 -6.12 3.27
N PHE A 247 14.36 -7.11 2.60
CA PHE A 247 14.66 -8.51 2.87
C PHE A 247 15.99 -8.95 2.25
N HIS A 248 16.45 -8.30 1.18
CA HIS A 248 17.69 -8.69 0.49
C HIS A 248 18.57 -7.48 0.20
N GLN B 1 -6.60 18.28 16.46
CA GLN B 1 -5.82 17.04 16.43
C GLN B 1 -6.04 16.30 15.10
N ALA B 2 -5.11 15.42 14.77
CA ALA B 2 -5.08 14.87 13.45
C ALA B 2 -6.34 14.04 13.17
N LEU B 3 -6.71 14.01 11.89
CA LEU B 3 -7.70 13.06 11.42
C LEU B 3 -7.21 11.62 11.58
N LEU B 4 -5.94 11.36 11.28
CA LEU B 4 -5.41 10.02 11.43
C LEU B 4 -5.46 9.60 12.90
N ARG B 5 -5.12 10.54 13.79
CA ARG B 5 -5.17 10.21 15.21
C ARG B 5 -6.59 9.90 15.66
N TYR B 6 -7.57 10.65 15.15
CA TYR B 6 -8.97 10.36 15.44
C TYR B 6 -9.29 8.91 15.04
N LEU B 7 -8.89 8.52 13.84
CA LEU B 7 -9.22 7.20 13.35
C LEU B 7 -8.51 6.12 14.16
N LEU B 8 -7.31 6.43 14.65
CA LEU B 8 -6.60 5.45 15.47
C LEU B 8 -7.21 5.34 16.85
N ASP B 9 -7.73 6.45 17.40
CA ASP B 9 -8.25 6.46 18.76
C ASP B 9 -9.69 5.97 18.85
N LYS B 10 -10.47 6.10 17.78
CA LYS B 10 -11.89 5.82 17.87
C LYS B 10 -12.18 4.33 18.00
N ASP B 11 -13.41 4.04 18.43
CA ASP B 11 -13.92 2.67 18.45
C ASP B 11 -14.34 2.27 17.03
N ASP B 12 -13.75 1.16 16.55
CA ASP B 12 -13.68 0.62 15.16
C ASP B 12 -12.45 1.13 14.30
#